data_7HSQ
#
_entry.id   7HSQ
#
_cell.length_a   98.843
_cell.length_b   98.840
_cell.length_c   128.594
_cell.angle_alpha   90.00
_cell.angle_beta   90.00
_cell.angle_gamma   90.00
#
_symmetry.space_group_name_H-M   'I 2 2 2'
#
loop_
_entity.id
_entity.type
_entity.pdbx_description
1 polymer 'Oleoyl-acyl carrier protein thioesterase 1, chloroplastic'
2 non-polymer N-(2-chloropyridin-3-yl)butanamide
3 water water
#
_entity_poly.entity_id   1
_entity_poly.type   'polypeptide(L)'
_entity_poly.pdbx_seq_one_letter_code
;MGSLTEDGLSYKEKFVVRSYEVGSNKTATVETIANLLQEVGCNHAQSVGFSTDGFATTTTMRKLHLIWVTARMHIEIYKY
PAWGDVVEIETWCQSEGRIGTRRDWILKDSVTGEVTGRATSKWVMMNQDTRRLQKVSDDVRDEYLVFCPQEPRLAFPEEN
NRSLKKIPKLEDPAQYSMIGLKPRRADLDMNQHVNNVTYIGWVLESIPQEIVDTHELQVITLDYRRECQQDDVVDSLTTT
TSEIGGTNGSATSGTQGHNDSQFLHLLRLSGDGQEINRGTTLWRKKPSSHHHHHH
;
_entity_poly.pdbx_strand_id   A,B
#
loop_
_chem_comp.id
_chem_comp.type
_chem_comp.name
_chem_comp.formula
WNS non-polymer N-(2-chloropyridin-3-yl)butanamide 'C9 H11 Cl N2 O'
#
# COMPACT_ATOMS: atom_id res chain seq x y z
N GLY A 2 -19.49 -2.03 -3.81
CA GLY A 2 -20.08 -0.72 -4.11
C GLY A 2 -21.05 -0.79 -5.28
N SER A 3 -21.74 0.31 -5.56
CA SER A 3 -22.72 0.31 -6.67
C SER A 3 -22.99 1.74 -7.12
N LEU A 4 -23.38 1.88 -8.38
CA LEU A 4 -24.07 3.09 -8.89
C LEU A 4 -25.31 3.34 -8.04
N THR A 5 -25.55 4.60 -7.72
CA THR A 5 -26.74 5.12 -7.01
C THR A 5 -27.98 4.88 -7.88
N GLU A 6 -29.14 5.17 -7.30
CA GLU A 6 -30.46 5.06 -7.94
C GLU A 6 -30.44 5.69 -9.34
N ASP A 7 -29.99 6.94 -9.45
CA ASP A 7 -30.13 7.72 -10.71
C ASP A 7 -29.03 7.33 -11.71
N GLY A 8 -28.04 6.51 -11.31
CA GLY A 8 -26.91 6.07 -12.14
C GLY A 8 -25.88 7.16 -12.46
N LEU A 9 -25.91 8.32 -11.76
CA LEU A 9 -25.00 9.47 -12.00
C LEU A 9 -23.91 9.61 -10.92
N SER A 10 -23.81 8.68 -9.97
CA SER A 10 -22.74 8.61 -8.96
C SER A 10 -22.50 7.15 -8.51
N TYR A 11 -21.48 6.91 -7.68
CA TYR A 11 -21.02 5.55 -7.27
C TYR A 11 -20.59 5.63 -5.82
N LYS A 12 -20.95 4.61 -5.03
CA LYS A 12 -20.72 4.52 -3.59
C LYS A 12 -20.05 3.19 -3.27
N GLU A 13 -19.08 3.22 -2.36
CA GLU A 13 -18.37 2.01 -1.85
C GLU A 13 -17.98 2.25 -0.41
N LYS A 14 -18.00 1.16 0.37
CA LYS A 14 -17.67 1.16 1.80
C LYS A 14 -16.35 0.43 1.93
N PHE A 15 -15.49 0.97 2.76
CA PHE A 15 -14.14 0.44 3.04
C PHE A 15 -14.01 0.34 4.55
N VAL A 16 -13.49 -0.80 5.00
CA VAL A 16 -13.12 -1.05 6.42
C VAL A 16 -11.64 -0.68 6.50
N VAL A 17 -11.24 0.20 7.39
CA VAL A 17 -9.82 0.67 7.44
C VAL A 17 -8.92 -0.45 8.01
N ARG A 18 -7.82 -0.79 7.31
CA ARG A 18 -6.96 -1.96 7.67
C ARG A 18 -5.80 -1.58 8.58
N SER A 19 -5.29 -2.55 9.35
CA SER A 19 -4.14 -2.41 10.29
C SER A 19 -3.00 -1.59 9.68
N TYR A 20 -2.57 -1.89 8.44
CA TYR A 20 -1.35 -1.33 7.80
C TYR A 20 -1.66 0.00 7.08
N GLU A 21 -2.90 0.46 7.10
CA GLU A 21 -3.34 1.69 6.40
C GLU A 21 -3.29 2.85 7.37
N VAL A 22 -2.94 2.59 8.63
CA VAL A 22 -3.00 3.63 9.72
C VAL A 22 -1.60 4.05 10.14
N GLY A 23 -1.50 5.33 10.56
CA GLY A 23 -0.29 5.97 11.16
C GLY A 23 -0.24 5.91 12.68
N SER A 24 0.58 6.78 13.29
N SER A 24 0.57 6.78 13.28
N SER A 24 0.58 6.78 13.29
CA SER A 24 0.88 6.83 14.74
CA SER A 24 0.88 6.84 14.73
CA SER A 24 0.88 6.83 14.74
C SER A 24 -0.40 7.11 15.56
C SER A 24 -0.39 7.13 15.56
C SER A 24 -0.40 7.11 15.56
N ASN A 25 -1.35 7.87 14.99
CA ASN A 25 -2.65 8.16 15.65
C ASN A 25 -3.66 7.00 15.56
N LYS A 26 -3.33 5.86 14.92
CA LYS A 26 -4.27 4.72 14.68
C LYS A 26 -5.47 5.18 13.83
N THR A 27 -5.30 6.22 13.02
CA THR A 27 -6.24 6.67 11.97
C THR A 27 -5.56 6.62 10.59
N ALA A 28 -6.37 6.49 9.53
CA ALA A 28 -5.95 6.34 8.12
C ALA A 28 -5.00 7.49 7.75
N THR A 29 -3.91 7.19 7.07
CA THR A 29 -3.01 8.22 6.50
C THR A 29 -3.71 8.84 5.28
N VAL A 30 -3.26 10.00 4.85
CA VAL A 30 -3.83 10.71 3.66
C VAL A 30 -3.48 9.93 2.40
N GLU A 31 -2.39 9.18 2.42
CA GLU A 31 -2.09 8.22 1.33
C GLU A 31 -3.11 7.08 1.28
N THR A 32 -3.53 6.49 2.43
CA THR A 32 -4.61 5.47 2.43
C THR A 32 -5.88 6.13 1.85
N ILE A 33 -6.22 7.34 2.29
CA ILE A 33 -7.43 8.03 1.79
C ILE A 33 -7.31 8.15 0.27
N ALA A 34 -6.20 8.65 -0.24
CA ALA A 34 -6.01 8.89 -1.70
C ALA A 34 -6.11 7.55 -2.46
N ASN A 35 -5.63 6.44 -1.89
CA ASN A 35 -5.75 5.11 -2.54
C ASN A 35 -7.22 4.73 -2.67
N LEU A 36 -8.02 4.91 -1.62
CA LEU A 36 -9.45 4.55 -1.62
C LEU A 36 -10.17 5.46 -2.64
N LEU A 37 -9.92 6.77 -2.65
CA LEU A 37 -10.46 7.67 -3.71
C LEU A 37 -10.16 7.07 -5.09
N GLN A 38 -8.92 6.63 -5.34
CA GLN A 38 -8.54 6.04 -6.65
C GLN A 38 -9.30 4.72 -6.86
N GLU A 39 -9.47 3.89 -5.81
CA GLU A 39 -10.14 2.59 -5.97
C GLU A 39 -11.62 2.83 -6.34
N VAL A 40 -12.29 3.81 -5.72
CA VAL A 40 -13.74 3.98 -5.96
C VAL A 40 -13.94 4.64 -7.33
N GLY A 41 -13.07 5.55 -7.73
CA GLY A 41 -13.00 6.09 -9.11
C GLY A 41 -12.92 5.00 -10.15
N CYS A 42 -12.04 4.01 -9.94
N CYS A 42 -12.03 4.04 -9.93
N CYS A 42 -12.04 4.01 -9.94
CA CYS A 42 -11.86 2.84 -10.84
CA CYS A 42 -11.83 2.83 -10.75
CA CYS A 42 -11.86 2.84 -10.84
C CYS A 42 -13.13 1.98 -10.85
C CYS A 42 -13.12 2.02 -10.83
C CYS A 42 -13.13 1.98 -10.85
N ASN A 43 -13.72 1.71 -9.68
CA ASN A 43 -14.98 0.90 -9.59
C ASN A 43 -16.13 1.63 -10.33
N HIS A 44 -16.18 2.97 -10.30
CA HIS A 44 -17.19 3.79 -11.03
C HIS A 44 -16.94 3.65 -12.55
N ALA A 45 -15.71 3.77 -13.03
CA ALA A 45 -15.38 3.58 -14.47
C ALA A 45 -15.84 2.18 -14.92
N GLN A 46 -15.47 1.11 -14.21
CA GLN A 46 -15.80 -0.29 -14.59
C GLN A 46 -17.32 -0.45 -14.69
N SER A 47 -18.04 0.13 -13.72
N SER A 47 -18.04 0.13 -13.72
N SER A 47 -18.04 0.13 -13.72
CA SER A 47 -19.52 0.04 -13.58
CA SER A 47 -19.52 0.05 -13.58
CA SER A 47 -19.52 0.04 -13.58
C SER A 47 -20.23 0.56 -14.83
C SER A 47 -20.22 0.55 -14.85
C SER A 47 -20.23 0.56 -14.83
N VAL A 48 -19.62 1.49 -15.57
CA VAL A 48 -20.25 2.11 -16.79
C VAL A 48 -19.49 1.75 -18.07
N GLY A 49 -18.60 0.75 -18.05
CA GLY A 49 -18.06 0.13 -19.27
C GLY A 49 -16.78 0.72 -19.87
N PHE A 50 -16.14 1.65 -19.16
CA PHE A 50 -14.83 2.24 -19.55
C PHE A 50 -13.70 1.27 -19.20
N SER A 51 -12.48 1.57 -19.67
CA SER A 51 -11.23 0.81 -19.35
C SER A 51 -10.04 1.46 -20.08
N ALA A 56 -8.89 5.69 -18.22
CA ALA A 56 -10.34 5.33 -18.15
C ALA A 56 -10.98 5.69 -19.50
N THR A 57 -10.68 4.90 -20.53
CA THR A 57 -10.89 5.28 -21.94
C THR A 57 -12.29 4.86 -22.39
N THR A 58 -12.92 5.69 -23.23
CA THR A 58 -14.10 5.36 -24.08
C THR A 58 -13.62 4.77 -25.41
N THR A 59 -14.54 4.53 -26.35
CA THR A 59 -14.27 3.89 -27.67
C THR A 59 -13.38 4.78 -28.54
N THR A 60 -13.75 6.04 -28.68
CA THR A 60 -13.06 7.03 -29.55
C THR A 60 -11.61 7.23 -29.05
N MET A 61 -11.45 7.41 -27.73
N MET A 61 -11.47 7.44 -27.74
N MET A 61 -11.45 7.41 -27.73
CA MET A 61 -10.14 7.67 -27.08
CA MET A 61 -10.17 7.64 -27.02
CA MET A 61 -10.14 7.67 -27.08
C MET A 61 -9.17 6.51 -27.33
C MET A 61 -9.19 6.52 -27.36
C MET A 61 -9.17 6.51 -27.33
N ARG A 62 -9.65 5.26 -27.27
CA ARG A 62 -8.82 4.05 -27.54
C ARG A 62 -8.37 4.03 -29.01
N LYS A 63 -9.24 4.48 -29.92
CA LYS A 63 -8.93 4.62 -31.38
C LYS A 63 -7.77 5.63 -31.53
N LEU A 64 -7.92 6.83 -30.94
CA LEU A 64 -6.97 7.97 -31.09
C LEU A 64 -5.78 7.88 -30.12
N HIS A 65 -5.56 6.75 -29.43
CA HIS A 65 -4.51 6.60 -28.38
C HIS A 65 -4.56 7.80 -27.41
N LEU A 66 -5.75 8.12 -26.88
CA LEU A 66 -5.94 9.21 -25.88
C LEU A 66 -6.19 8.61 -24.49
N ILE A 67 -5.80 9.35 -23.44
CA ILE A 67 -5.99 8.98 -22.00
C ILE A 67 -6.36 10.24 -21.21
N TRP A 68 -7.13 10.08 -20.13
CA TRP A 68 -7.30 11.06 -19.01
C TRP A 68 -6.07 10.96 -18.12
N VAL A 69 -5.47 12.10 -17.75
CA VAL A 69 -4.39 12.22 -16.74
C VAL A 69 -4.74 13.34 -15.76
N THR A 70 -4.32 13.19 -14.53
CA THR A 70 -4.63 14.12 -13.41
C THR A 70 -3.71 15.34 -13.56
N ALA A 71 -4.30 16.55 -13.53
CA ALA A 71 -3.56 17.83 -13.54
C ALA A 71 -3.44 18.33 -12.10
N ARG A 72 -4.48 18.10 -11.30
CA ARG A 72 -4.51 18.54 -9.89
C ARG A 72 -5.42 17.65 -9.04
N MET A 73 -5.00 17.47 -7.78
CA MET A 73 -5.71 16.75 -6.71
C MET A 73 -5.87 17.72 -5.51
N HIS A 74 -7.00 17.65 -4.82
CA HIS A 74 -7.33 18.54 -3.68
C HIS A 74 -8.15 17.72 -2.67
N ILE A 75 -7.61 17.52 -1.48
CA ILE A 75 -8.21 16.67 -0.42
C ILE A 75 -8.32 17.55 0.82
N GLU A 76 -9.50 17.59 1.42
CA GLU A 76 -9.72 18.18 2.76
C GLU A 76 -10.32 17.11 3.67
N ILE A 77 -9.67 16.86 4.81
CA ILE A 77 -10.06 15.86 5.83
C ILE A 77 -10.39 16.58 7.15
N TYR A 78 -11.65 16.41 7.60
CA TYR A 78 -12.13 16.89 8.92
C TYR A 78 -11.78 15.85 9.98
N LYS A 79 -11.88 14.56 9.64
CA LYS A 79 -11.62 13.48 10.62
C LYS A 79 -11.11 12.24 9.88
N TYR A 80 -9.95 11.72 10.27
CA TYR A 80 -9.38 10.49 9.67
C TYR A 80 -10.08 9.29 10.33
N PRO A 81 -10.61 8.31 9.58
CA PRO A 81 -11.32 7.20 10.21
C PRO A 81 -10.32 6.30 10.96
N ALA A 82 -10.78 5.62 11.99
CA ALA A 82 -9.90 4.81 12.85
C ALA A 82 -9.79 3.42 12.24
N TRP A 83 -8.69 2.75 12.56
CA TRP A 83 -8.53 1.30 12.36
C TRP A 83 -9.84 0.58 12.69
N GLY A 84 -10.36 -0.22 11.77
CA GLY A 84 -11.64 -0.95 11.95
C GLY A 84 -12.88 -0.12 11.61
N ASP A 85 -12.80 1.20 11.51
CA ASP A 85 -13.98 2.02 11.10
C ASP A 85 -14.34 1.68 9.65
N VAL A 86 -15.62 1.76 9.33
CA VAL A 86 -16.18 1.70 7.95
C VAL A 86 -16.29 3.15 7.48
N VAL A 87 -15.77 3.43 6.30
CA VAL A 87 -15.90 4.78 5.65
C VAL A 87 -16.67 4.56 4.35
N GLU A 88 -17.62 5.45 4.03
CA GLU A 88 -18.39 5.37 2.78
C GLU A 88 -17.96 6.53 1.89
N ILE A 89 -17.66 6.27 0.63
CA ILE A 89 -17.18 7.28 -0.35
C ILE A 89 -18.14 7.29 -1.52
N GLU A 90 -18.65 8.46 -1.82
CA GLU A 90 -19.45 8.74 -3.04
C GLU A 90 -18.61 9.54 -4.03
N THR A 91 -18.67 9.17 -5.30
CA THR A 91 -17.87 9.82 -6.35
C THR A 91 -18.70 10.04 -7.61
N TRP A 92 -18.39 11.10 -8.33
CA TRP A 92 -19.06 11.45 -9.58
C TRP A 92 -18.07 12.27 -10.39
N CYS A 93 -18.33 12.40 -11.69
CA CYS A 93 -17.54 13.23 -12.63
C CYS A 93 -18.44 14.34 -13.20
N GLN A 94 -17.83 15.36 -13.81
CA GLN A 94 -18.54 16.48 -14.48
C GLN A 94 -17.61 17.03 -15.56
N SER A 95 -18.14 17.29 -16.75
CA SER A 95 -17.47 18.06 -17.83
C SER A 95 -17.17 19.49 -17.36
N GLU A 96 -15.97 19.99 -17.67
CA GLU A 96 -15.58 21.41 -17.57
C GLU A 96 -15.35 21.92 -19.00
N GLY A 97 -16.19 21.46 -19.94
CA GLY A 97 -16.13 21.79 -21.38
C GLY A 97 -14.87 21.27 -22.04
N ARG A 98 -14.27 22.08 -22.91
CA ARG A 98 -13.16 21.61 -23.78
C ARG A 98 -11.92 21.43 -22.88
N ILE A 99 -11.87 22.14 -21.76
CA ILE A 99 -10.70 22.14 -20.83
C ILE A 99 -10.43 20.70 -20.40
N GLY A 100 -11.44 20.02 -19.87
CA GLY A 100 -11.27 18.68 -19.29
C GLY A 100 -12.43 18.32 -18.40
N THR A 101 -12.22 17.37 -17.50
CA THR A 101 -13.25 16.83 -16.59
C THR A 101 -12.76 16.95 -15.15
N ARG A 102 -13.73 16.89 -14.23
CA ARG A 102 -13.54 16.96 -12.78
C ARG A 102 -14.04 15.63 -12.21
N ARG A 103 -13.34 15.05 -11.24
CA ARG A 103 -13.95 13.96 -10.44
C ARG A 103 -13.97 14.48 -9.01
N ASP A 104 -15.14 14.35 -8.35
CA ASP A 104 -15.33 14.82 -6.96
C ASP A 104 -15.58 13.62 -6.07
N TRP A 105 -15.29 13.75 -4.79
CA TRP A 105 -15.60 12.69 -3.80
C TRP A 105 -16.14 13.33 -2.52
N ILE A 106 -17.03 12.61 -1.82
CA ILE A 106 -17.45 12.87 -0.42
C ILE A 106 -17.21 11.59 0.38
N LEU A 107 -16.51 11.72 1.51
CA LEU A 107 -16.21 10.62 2.47
C LEU A 107 -17.16 10.80 3.65
N LYS A 108 -17.79 9.74 4.13
CA LYS A 108 -18.70 9.80 5.30
C LYS A 108 -18.32 8.70 6.31
N ASP A 109 -18.49 9.01 7.59
CA ASP A 109 -18.62 8.01 8.67
C ASP A 109 -19.89 7.21 8.38
N SER A 110 -19.74 5.93 8.06
CA SER A 110 -20.84 4.96 7.83
C SER A 110 -21.82 4.99 9.02
N VAL A 111 -21.31 5.10 10.26
CA VAL A 111 -22.11 4.95 11.50
C VAL A 111 -22.95 6.22 11.71
N THR A 112 -22.35 7.41 11.70
CA THR A 112 -23.01 8.71 11.99
C THR A 112 -23.67 9.28 10.73
N GLY A 113 -23.16 8.93 9.55
CA GLY A 113 -23.50 9.57 8.27
C GLY A 113 -22.98 10.99 8.15
N GLU A 114 -22.06 11.43 9.03
CA GLU A 114 -21.44 12.79 8.96
C GLU A 114 -20.33 12.79 7.89
N VAL A 115 -20.17 13.92 7.19
CA VAL A 115 -19.10 14.20 6.19
C VAL A 115 -17.78 14.33 6.95
N THR A 116 -16.82 13.48 6.64
CA THR A 116 -15.49 13.43 7.31
C THR A 116 -14.42 14.00 6.36
N GLY A 117 -14.70 14.09 5.05
CA GLY A 117 -13.71 14.61 4.08
C GLY A 117 -14.34 14.96 2.75
N ARG A 118 -13.60 15.68 1.90
CA ARG A 118 -14.01 15.87 0.51
C ARG A 118 -12.80 16.06 -0.38
N ALA A 119 -12.93 15.69 -1.64
CA ALA A 119 -11.82 15.78 -2.60
C ALA A 119 -12.36 16.14 -3.98
N THR A 120 -11.48 16.71 -4.79
CA THR A 120 -11.79 17.14 -6.14
C THR A 120 -10.51 17.00 -6.93
N SER A 121 -10.64 16.66 -8.20
CA SER A 121 -9.47 16.50 -9.11
C SER A 121 -9.85 17.00 -10.49
N LYS A 122 -8.90 17.63 -11.19
CA LYS A 122 -8.99 18.06 -12.61
C LYS A 122 -8.13 17.12 -13.47
N TRP A 123 -8.76 16.56 -14.51
CA TRP A 123 -8.21 15.66 -15.54
C TRP A 123 -8.22 16.37 -16.89
N VAL A 124 -7.19 16.12 -17.70
CA VAL A 124 -7.03 16.67 -19.08
C VAL A 124 -6.77 15.49 -20.02
N MET A 125 -7.07 15.65 -21.30
CA MET A 125 -6.87 14.56 -22.29
C MET A 125 -5.50 14.74 -22.94
N MET A 126 -4.77 13.62 -23.01
CA MET A 126 -3.38 13.56 -23.51
C MET A 126 -3.27 12.44 -24.55
N ASN A 127 -2.44 12.63 -25.60
CA ASN A 127 -1.93 11.51 -26.42
C ASN A 127 -1.00 10.68 -25.53
N GLN A 128 -1.24 9.38 -25.38
CA GLN A 128 -0.39 8.45 -24.58
C GLN A 128 1.08 8.54 -24.98
N ASP A 129 1.31 8.63 -26.28
CA ASP A 129 2.65 8.43 -26.88
C ASP A 129 3.40 9.76 -26.80
N THR A 130 2.81 10.83 -27.35
CA THR A 130 3.51 12.13 -27.54
C THR A 130 3.48 12.95 -26.24
N ARG A 131 2.52 12.66 -25.35
CA ARG A 131 2.28 13.40 -24.08
C ARG A 131 1.69 14.79 -24.37
N ARG A 132 1.18 15.08 -25.59
CA ARG A 132 0.70 16.44 -25.99
C ARG A 132 -0.78 16.63 -25.61
N LEU A 133 -1.08 17.53 -24.68
CA LEU A 133 -2.49 17.83 -24.26
C LEU A 133 -3.34 18.13 -25.50
N GLN A 134 -4.64 17.81 -25.46
CA GLN A 134 -5.64 18.40 -26.39
C GLN A 134 -6.97 18.60 -25.67
N LYS A 135 -7.61 19.73 -26.01
CA LYS A 135 -9.02 20.05 -25.68
C LYS A 135 -9.90 18.83 -26.00
N VAL A 136 -10.99 18.67 -25.25
CA VAL A 136 -11.98 17.57 -25.38
C VAL A 136 -12.84 17.86 -26.63
N SER A 137 -12.88 16.97 -27.62
CA SER A 137 -13.78 17.09 -28.79
C SER A 137 -15.21 16.62 -28.44
N ASP A 138 -16.20 17.08 -29.20
CA ASP A 138 -17.65 16.74 -29.05
C ASP A 138 -17.87 15.23 -29.11
N ASP A 139 -17.33 14.55 -30.13
CA ASP A 139 -17.51 13.07 -30.28
C ASP A 139 -17.22 12.39 -28.94
N VAL A 140 -16.13 12.79 -28.26
CA VAL A 140 -15.67 12.25 -26.95
C VAL A 140 -16.59 12.76 -25.83
N ARG A 141 -16.80 14.08 -25.77
CA ARG A 141 -17.69 14.73 -24.77
C ARG A 141 -18.97 13.89 -24.64
N ASP A 142 -19.63 13.61 -25.76
CA ASP A 142 -21.00 13.01 -25.80
C ASP A 142 -20.98 11.63 -25.15
N GLU A 143 -19.89 10.86 -25.36
CA GLU A 143 -19.76 9.47 -24.86
C GLU A 143 -19.85 9.39 -23.33
N TYR A 144 -19.22 10.34 -22.62
CA TYR A 144 -19.11 10.33 -21.13
C TYR A 144 -20.12 11.30 -20.50
N LEU A 145 -20.70 12.23 -21.27
CA LEU A 145 -21.72 13.19 -20.74
C LEU A 145 -22.94 12.44 -20.16
N VAL A 146 -23.30 11.28 -20.69
CA VAL A 146 -24.51 10.51 -20.25
C VAL A 146 -24.27 9.85 -18.88
N PHE A 147 -23.05 9.89 -18.33
CA PHE A 147 -22.68 9.29 -17.02
C PHE A 147 -22.47 10.36 -15.93
N CYS A 148 -22.74 11.62 -16.27
CA CYS A 148 -22.42 12.81 -15.44
C CYS A 148 -23.72 13.58 -15.19
N PRO A 149 -23.92 14.10 -13.94
CA PRO A 149 -25.00 15.06 -13.69
C PRO A 149 -24.83 16.25 -14.63
N GLN A 150 -25.94 16.83 -15.06
CA GLN A 150 -25.93 17.92 -16.06
C GLN A 150 -25.92 19.26 -15.32
N GLU A 151 -26.67 19.38 -14.23
CA GLU A 151 -26.61 20.54 -13.31
C GLU A 151 -25.32 20.44 -12.50
N PRO A 152 -24.72 21.58 -12.12
CA PRO A 152 -23.51 21.56 -11.31
C PRO A 152 -23.71 20.79 -10.00
N ARG A 153 -22.78 19.88 -9.71
CA ARG A 153 -22.62 19.20 -8.40
C ARG A 153 -21.13 19.29 -8.00
N LEU A 154 -20.80 20.18 -7.06
CA LEU A 154 -19.43 20.53 -6.62
C LEU A 154 -19.19 20.00 -5.20
N ALA A 155 -18.15 19.20 -4.98
CA ALA A 155 -17.70 18.86 -3.61
C ALA A 155 -17.27 20.12 -2.85
N PHE A 156 -16.67 21.08 -3.57
CA PHE A 156 -16.19 22.38 -3.05
C PHE A 156 -16.96 23.52 -3.72
N PRO A 157 -18.20 23.81 -3.28
CA PRO A 157 -19.00 24.88 -3.90
C PRO A 157 -18.48 26.30 -3.58
N GLU A 158 -17.87 26.48 -2.41
CA GLU A 158 -17.54 27.80 -1.78
C GLU A 158 -16.94 28.78 -2.80
N GLU A 159 -17.19 30.08 -2.58
CA GLU A 159 -16.96 31.18 -3.56
C GLU A 159 -15.45 31.37 -3.79
N ASN A 160 -14.69 31.70 -2.74
CA ASN A 160 -13.21 31.81 -2.78
C ASN A 160 -12.62 30.61 -2.04
N ASN A 161 -12.71 29.43 -2.66
CA ASN A 161 -12.37 28.12 -2.04
C ASN A 161 -10.97 27.66 -2.51
N ARG A 162 -10.27 26.92 -1.64
CA ARG A 162 -8.79 26.69 -1.70
C ARG A 162 -8.43 25.67 -2.79
N SER A 163 -9.41 24.96 -3.36
CA SER A 163 -9.21 23.93 -4.41
C SER A 163 -8.77 24.58 -5.73
N LEU A 164 -9.01 25.88 -5.92
CA LEU A 164 -8.82 26.61 -7.20
C LEU A 164 -7.69 27.66 -7.14
N LYS A 165 -6.95 27.78 -6.03
CA LYS A 165 -5.90 28.84 -5.90
C LYS A 165 -4.69 28.47 -6.77
N LYS A 166 -4.06 29.48 -7.40
CA LYS A 166 -2.78 29.34 -8.14
C LYS A 166 -1.68 28.97 -7.13
N ILE A 167 -0.75 28.07 -7.49
CA ILE A 167 0.34 27.62 -6.58
C ILE A 167 1.67 28.10 -7.12
N PRO A 168 2.44 28.91 -6.34
CA PRO A 168 3.71 29.47 -6.79
C PRO A 168 4.88 28.46 -6.73
N LYS A 169 6.02 28.80 -7.36
CA LYS A 169 7.23 27.92 -7.36
C LYS A 169 8.12 28.31 -6.17
N LEU A 170 8.35 27.34 -5.28
CA LEU A 170 9.27 27.40 -4.13
C LEU A 170 10.61 27.94 -4.64
N GLU A 171 11.17 28.93 -3.96
CA GLU A 171 12.48 29.51 -4.35
C GLU A 171 13.55 28.92 -3.45
N ASP A 172 14.65 28.46 -4.03
CA ASP A 172 15.86 28.00 -3.29
C ASP A 172 16.36 29.20 -2.48
N PRO A 173 16.95 28.98 -1.28
CA PRO A 173 17.01 27.66 -0.64
C PRO A 173 15.70 27.21 0.07
N ALA A 174 15.39 25.91 0.07
CA ALA A 174 14.17 25.38 0.72
C ALA A 174 14.42 25.36 2.22
N GLN A 175 13.41 25.57 3.08
CA GLN A 175 13.61 25.44 4.53
C GLN A 175 13.93 23.98 4.86
N TYR A 176 13.29 23.01 4.20
CA TYR A 176 13.47 21.56 4.50
C TYR A 176 13.57 20.77 3.22
N SER A 177 14.22 19.60 3.24
CA SER A 177 14.35 18.78 2.02
C SER A 177 14.56 17.29 2.37
N MET A 178 14.11 16.40 1.49
CA MET A 178 14.40 14.95 1.51
C MET A 178 14.88 14.59 0.09
N ILE A 179 16.11 14.12 0.02
CA ILE A 179 16.92 13.89 -1.22
C ILE A 179 16.89 12.41 -1.63
N GLY A 180 17.01 12.14 -2.93
CA GLY A 180 17.28 10.78 -3.44
C GLY A 180 16.12 9.84 -3.24
N LEU A 181 14.88 10.34 -3.33
CA LEU A 181 13.64 9.51 -3.34
C LEU A 181 13.52 8.76 -4.67
N LYS A 182 13.36 7.43 -4.60
CA LYS A 182 13.27 6.52 -5.77
C LYS A 182 12.05 5.63 -5.61
N PRO A 183 11.21 5.46 -6.65
CA PRO A 183 10.10 4.50 -6.56
C PRO A 183 10.59 3.04 -6.61
N ARG A 184 9.97 2.10 -5.88
CA ARG A 184 10.21 0.64 -6.00
C ARG A 184 9.00 0.05 -6.77
N ARG A 185 8.94 -1.25 -7.03
CA ARG A 185 7.85 -1.83 -7.85
C ARG A 185 6.46 -1.60 -7.23
N ALA A 186 6.35 -1.65 -5.90
CA ALA A 186 5.10 -1.43 -5.15
C ALA A 186 4.55 -0.02 -5.44
N ASP A 187 5.38 0.94 -5.84
CA ASP A 187 4.93 2.32 -6.17
C ASP A 187 4.31 2.39 -7.58
N LEU A 188 4.42 1.33 -8.37
CA LEU A 188 4.01 1.37 -9.81
C LEU A 188 2.58 0.82 -9.93
N ASP A 189 1.83 1.35 -10.89
CA ASP A 189 0.51 0.79 -11.31
C ASP A 189 0.75 -0.39 -12.25
N MET A 190 -0.35 -0.95 -12.74
CA MET A 190 -0.36 -2.12 -13.66
C MET A 190 0.27 -1.80 -15.04
N ASN A 191 0.38 -0.52 -15.44
CA ASN A 191 1.06 -0.11 -16.71
C ASN A 191 2.50 0.36 -16.45
N GLN A 192 2.98 0.19 -15.21
CA GLN A 192 4.37 0.46 -14.77
C GLN A 192 4.66 1.97 -14.76
N HIS A 193 3.62 2.80 -14.64
CA HIS A 193 3.76 4.24 -14.35
C HIS A 193 3.73 4.40 -12.83
N VAL A 194 4.43 5.41 -12.31
CA VAL A 194 4.42 5.68 -10.83
C VAL A 194 2.98 6.05 -10.48
N ASN A 195 2.44 5.46 -9.40
CA ASN A 195 1.05 5.71 -8.92
C ASN A 195 0.95 7.18 -8.46
N ASN A 196 -0.10 7.89 -8.85
CA ASN A 196 -0.25 9.32 -8.44
C ASN A 196 -0.09 9.51 -6.94
N VAL A 197 -0.40 8.48 -6.14
CA VAL A 197 -0.46 8.58 -4.66
C VAL A 197 0.96 8.67 -4.08
N THR A 198 1.93 8.04 -4.73
CA THR A 198 3.37 8.04 -4.35
C THR A 198 3.84 9.50 -4.28
N TYR A 199 3.44 10.34 -5.23
CA TYR A 199 3.83 11.78 -5.21
C TYR A 199 3.38 12.45 -3.93
N ILE A 200 2.18 12.14 -3.45
CA ILE A 200 1.66 12.65 -2.15
C ILE A 200 2.66 12.26 -1.05
N GLY A 201 3.06 10.99 -0.98
CA GLY A 201 3.99 10.52 0.07
C GLY A 201 5.29 11.32 0.01
N TRP A 202 5.86 11.42 -1.20
CA TRP A 202 7.09 12.18 -1.48
C TRP A 202 6.93 13.62 -1.05
N VAL A 203 5.84 14.31 -1.40
CA VAL A 203 5.61 15.70 -0.89
C VAL A 203 5.75 15.69 0.65
N LEU A 204 5.09 14.75 1.33
CA LEU A 204 5.01 14.79 2.82
C LEU A 204 6.37 14.41 3.44
N GLU A 205 7.30 13.81 2.68
CA GLU A 205 8.55 13.29 3.27
C GLU A 205 9.44 14.45 3.74
N SER A 206 9.26 15.65 3.21
CA SER A 206 10.07 16.83 3.61
C SER A 206 9.43 17.60 4.78
N ILE A 207 8.27 17.18 5.28
CA ILE A 207 7.67 17.81 6.50
C ILE A 207 8.45 17.22 7.67
N PRO A 208 8.96 18.06 8.60
CA PRO A 208 9.67 17.54 9.78
C PRO A 208 8.76 16.62 10.60
N GLN A 209 9.31 15.55 11.19
CA GLN A 209 8.58 14.57 12.04
C GLN A 209 7.82 15.34 13.15
N GLU A 210 8.42 16.39 13.69
CA GLU A 210 7.85 17.30 14.72
C GLU A 210 6.46 17.77 14.32
N ILE A 211 6.31 18.31 13.11
CA ILE A 211 4.99 18.82 12.64
C ILE A 211 4.02 17.65 12.63
N VAL A 212 4.42 16.51 12.08
CA VAL A 212 3.52 15.33 11.93
C VAL A 212 3.11 14.79 13.30
N ASP A 213 4.00 14.84 14.29
CA ASP A 213 3.76 14.38 15.68
C ASP A 213 2.79 15.28 16.46
N THR A 214 2.74 16.57 16.13
CA THR A 214 1.99 17.60 16.92
C THR A 214 0.83 18.18 16.11
N HIS A 215 0.73 17.89 14.81
CA HIS A 215 -0.34 18.46 13.94
C HIS A 215 -1.06 17.35 13.18
N GLU A 216 -2.20 17.68 12.59
CA GLU A 216 -2.91 16.81 11.63
C GLU A 216 -3.04 17.56 10.33
N LEU A 217 -2.79 16.88 9.23
CA LEU A 217 -2.99 17.43 7.87
C LEU A 217 -4.50 17.68 7.68
N GLN A 218 -4.88 18.91 7.35
CA GLN A 218 -6.28 19.31 7.05
C GLN A 218 -6.51 19.37 5.55
N VAL A 219 -5.61 20.01 4.81
CA VAL A 219 -5.78 20.28 3.36
C VAL A 219 -4.46 19.99 2.64
N ILE A 220 -4.54 19.36 1.47
CA ILE A 220 -3.39 19.18 0.55
C ILE A 220 -3.88 19.50 -0.86
N THR A 221 -3.16 20.33 -1.59
CA THR A 221 -3.37 20.64 -3.03
C THR A 221 -2.09 20.26 -3.79
N LEU A 222 -2.18 19.45 -4.83
CA LEU A 222 -0.99 19.01 -5.62
C LEU A 222 -1.29 19.26 -7.11
N ASP A 223 -0.42 20.03 -7.81
CA ASP A 223 -0.33 20.06 -9.29
C ASP A 223 0.68 19.00 -9.74
N TYR A 224 0.30 18.30 -10.81
CA TYR A 224 1.07 17.26 -11.52
C TYR A 224 1.54 17.91 -12.81
N ARG A 225 2.85 18.06 -12.99
CA ARG A 225 3.42 18.75 -14.18
C ARG A 225 4.06 17.73 -15.12
N ARG A 226 4.79 16.76 -14.59
CA ARG A 226 5.53 15.73 -15.35
C ARG A 226 5.51 14.44 -14.53
N GLU A 227 5.61 13.34 -15.22
CA GLU A 227 5.70 11.99 -14.64
C GLU A 227 7.14 11.75 -14.18
N CYS A 228 7.30 11.12 -13.01
CA CYS A 228 8.57 10.50 -12.56
C CYS A 228 8.65 9.10 -13.22
N GLN A 229 9.70 8.85 -13.98
CA GLN A 229 9.92 7.54 -14.61
C GLN A 229 10.41 6.59 -13.52
N GLN A 230 10.39 5.30 -13.78
CA GLN A 230 10.77 4.25 -12.81
C GLN A 230 12.29 4.33 -12.52
N ASP A 231 13.10 4.93 -13.39
CA ASP A 231 14.56 5.11 -13.17
C ASP A 231 14.91 6.58 -12.83
N ASP A 232 13.92 7.41 -12.48
CA ASP A 232 14.18 8.80 -12.00
C ASP A 232 14.43 8.80 -10.48
N VAL A 233 15.06 9.88 -10.02
CA VAL A 233 15.30 10.17 -8.58
C VAL A 233 14.76 11.57 -8.34
N VAL A 234 14.09 11.74 -7.21
CA VAL A 234 13.28 12.94 -6.88
C VAL A 234 13.85 13.55 -5.60
N ASP A 235 13.86 14.88 -5.58
CA ASP A 235 14.13 15.69 -4.37
C ASP A 235 12.82 16.36 -3.97
N SER A 236 12.48 16.29 -2.70
CA SER A 236 11.27 16.86 -2.05
C SER A 236 11.66 18.11 -1.24
N LEU A 237 11.07 19.26 -1.59
CA LEU A 237 11.41 20.55 -0.96
C LEU A 237 10.15 21.14 -0.32
N THR A 238 10.31 21.77 0.85
CA THR A 238 9.24 22.34 1.72
C THR A 238 9.78 23.60 2.39
N THR A 239 9.01 24.70 2.31
CA THR A 239 9.20 25.95 3.07
C THR A 239 7.88 26.29 3.80
N THR A 240 7.99 26.61 5.10
CA THR A 240 6.87 27.15 5.92
C THR A 240 6.44 28.48 5.30
N THR A 241 5.16 28.69 5.00
CA THR A 241 4.64 29.97 4.44
C THR A 241 3.73 30.68 5.45
N SER A 242 3.40 30.07 6.58
CA SER A 242 2.64 30.73 7.67
C SER A 242 3.61 31.43 8.65
N ASN A 259 -1.86 28.81 15.28
CA ASN A 259 -2.35 27.42 15.54
C ASN A 259 -2.50 26.60 14.24
N ASP A 260 -2.41 27.23 13.06
CA ASP A 260 -2.37 26.53 11.75
C ASP A 260 -0.98 26.74 11.13
N SER A 261 -0.35 25.67 10.63
CA SER A 261 0.88 25.72 9.82
C SER A 261 0.53 25.44 8.32
N GLN A 262 0.98 26.32 7.43
CA GLN A 262 0.89 26.17 5.95
C GLN A 262 2.30 25.97 5.41
N PHE A 263 2.46 25.11 4.40
CA PHE A 263 3.75 24.86 3.70
C PHE A 263 3.56 25.01 2.19
N LEU A 264 4.65 25.37 1.52
CA LEU A 264 4.78 25.31 0.05
C LEU A 264 5.73 24.16 -0.31
N HIS A 265 5.45 23.43 -1.38
CA HIS A 265 6.09 22.15 -1.73
C HIS A 265 6.57 22.13 -3.17
N LEU A 266 7.70 21.47 -3.41
CA LEU A 266 8.22 21.24 -4.78
C LEU A 266 8.88 19.87 -4.82
N LEU A 267 8.51 19.04 -5.79
CA LEU A 267 9.22 17.79 -6.17
C LEU A 267 9.94 18.09 -7.48
N ARG A 268 11.22 17.79 -7.57
CA ARG A 268 11.97 17.95 -8.84
C ARG A 268 12.95 16.80 -8.98
N LEU A 269 13.39 16.52 -10.21
CA LEU A 269 14.34 15.44 -10.53
C LEU A 269 15.70 15.83 -9.94
N SER A 270 16.37 14.90 -9.24
CA SER A 270 17.48 15.23 -8.31
C SER A 270 18.68 15.81 -9.06
N GLY A 271 18.83 15.44 -10.34
CA GLY A 271 19.91 15.93 -11.21
C GLY A 271 19.67 17.33 -11.73
N ASP A 272 19.01 17.46 -12.88
CA ASP A 272 18.80 18.75 -13.59
C ASP A 272 17.75 19.64 -12.87
N GLY A 273 17.08 19.15 -11.83
CA GLY A 273 16.08 19.96 -11.10
C GLY A 273 14.83 20.31 -11.93
N GLN A 274 14.49 19.49 -12.92
CA GLN A 274 13.18 19.53 -13.64
C GLN A 274 11.99 19.32 -12.66
N GLU A 275 11.05 20.29 -12.63
CA GLU A 275 9.83 20.26 -11.78
C GLU A 275 8.99 19.03 -12.15
N ILE A 276 8.59 18.19 -11.18
CA ILE A 276 7.53 17.17 -11.46
C ILE A 276 6.21 17.59 -10.80
N ASN A 277 6.25 18.25 -9.63
CA ASN A 277 5.03 18.59 -8.85
C ASN A 277 5.28 19.85 -8.03
N ARG A 278 4.22 20.57 -7.74
CA ARG A 278 4.15 21.63 -6.72
C ARG A 278 2.85 21.52 -5.92
N GLY A 279 2.86 21.95 -4.67
CA GLY A 279 1.64 21.85 -3.85
C GLY A 279 1.72 22.71 -2.62
N THR A 280 0.66 22.65 -1.82
CA THR A 280 0.53 23.35 -0.51
C THR A 280 -0.17 22.40 0.44
N THR A 281 0.17 22.46 1.70
CA THR A 281 -0.60 21.77 2.77
C THR A 281 -0.90 22.74 3.89
N LEU A 282 -1.95 22.43 4.62
CA LEU A 282 -2.42 23.19 5.80
C LEU A 282 -2.61 22.18 6.93
N TRP A 283 -1.96 22.42 8.09
CA TRP A 283 -2.01 21.52 9.27
C TRP A 283 -2.61 22.27 10.47
N ARG A 284 -3.41 21.59 11.31
CA ARG A 284 -3.91 22.19 12.57
C ARG A 284 -3.34 21.35 13.72
N LYS A 285 -2.92 22.01 14.80
CA LYS A 285 -2.45 21.42 16.08
C LYS A 285 -3.49 20.43 16.62
N LYS A 286 -3.05 19.24 17.03
CA LYS A 286 -3.93 18.17 17.56
C LYS A 286 -4.70 18.65 18.80
N GLY B 2 -14.96 -10.88 8.24
CA GLY B 2 -14.04 -11.74 9.01
C GLY B 2 -14.69 -12.34 10.24
N SER B 3 -14.43 -13.61 10.53
CA SER B 3 -14.95 -14.22 11.76
C SER B 3 -14.08 -15.38 12.21
N LEU B 4 -14.04 -15.62 13.51
CA LEU B 4 -13.65 -16.95 14.08
C LEU B 4 -14.56 -18.00 13.44
N THR B 5 -14.01 -19.17 13.16
CA THR B 5 -14.74 -20.35 12.63
C THR B 5 -15.56 -20.95 13.77
N GLU B 6 -16.33 -21.97 13.45
CA GLU B 6 -17.24 -22.67 14.39
C GLU B 6 -16.51 -23.01 15.70
N ASP B 7 -15.37 -23.70 15.64
CA ASP B 7 -14.67 -24.26 16.82
C ASP B 7 -13.87 -23.16 17.56
N GLY B 8 -13.75 -21.94 17.00
CA GLY B 8 -13.06 -20.81 17.66
C GLY B 8 -11.53 -20.92 17.60
N LEU B 9 -10.96 -21.85 16.80
CA LEU B 9 -9.50 -22.17 16.73
C LEU B 9 -8.85 -21.69 15.41
N SER B 10 -9.59 -21.02 14.53
CA SER B 10 -9.03 -20.33 13.34
C SER B 10 -9.94 -19.17 12.96
N TYR B 11 -9.53 -18.38 11.97
CA TYR B 11 -10.19 -17.11 11.57
C TYR B 11 -10.20 -16.99 10.04
N LYS B 12 -11.30 -16.52 9.47
CA LYS B 12 -11.48 -16.34 8.01
C LYS B 12 -11.90 -14.91 7.69
N GLU B 13 -11.48 -14.45 6.52
CA GLU B 13 -11.84 -13.11 5.98
C GLU B 13 -11.74 -13.15 4.46
N LYS B 14 -12.61 -12.40 3.81
CA LYS B 14 -12.62 -12.28 2.35
C LYS B 14 -12.12 -10.89 2.01
N PHE B 15 -11.42 -10.80 0.89
CA PHE B 15 -10.82 -9.55 0.38
C PHE B 15 -11.09 -9.52 -1.12
N VAL B 16 -11.49 -8.34 -1.60
CA VAL B 16 -11.63 -8.01 -3.06
C VAL B 16 -10.33 -7.34 -3.47
N VAL B 17 -9.63 -7.88 -4.46
CA VAL B 17 -8.34 -7.28 -4.93
C VAL B 17 -8.63 -5.90 -5.55
N ARG B 18 -7.89 -4.86 -5.11
CA ARG B 18 -8.09 -3.43 -5.50
C ARG B 18 -7.22 -3.07 -6.72
N SER B 19 -7.64 -2.08 -7.52
CA SER B 19 -6.88 -1.56 -8.69
C SER B 19 -5.39 -1.42 -8.36
N TYR B 20 -5.03 -0.79 -7.25
CA TYR B 20 -3.62 -0.38 -6.93
C TYR B 20 -2.85 -1.53 -6.29
N GLU B 21 -3.48 -2.68 -6.06
CA GLU B 21 -2.84 -3.84 -5.38
C GLU B 21 -2.25 -4.77 -6.41
N VAL B 22 -2.47 -4.50 -7.69
CA VAL B 22 -2.08 -5.43 -8.81
C VAL B 22 -0.86 -4.89 -9.53
N GLY B 23 -0.05 -5.79 -10.10
CA GLY B 23 1.09 -5.50 -11.00
C GLY B 23 0.74 -5.61 -12.48
N SER B 24 1.76 -5.84 -13.34
CA SER B 24 1.65 -5.75 -14.83
C SER B 24 0.77 -6.86 -15.43
N ASN B 25 0.67 -8.05 -14.81
CA ASN B 25 -0.24 -9.15 -15.26
C ASN B 25 -1.65 -8.95 -14.66
N LYS B 26 -1.93 -7.81 -14.02
CA LYS B 26 -3.26 -7.48 -13.46
C LYS B 26 -3.66 -8.55 -12.42
N THR B 27 -2.67 -9.15 -11.75
CA THR B 27 -2.88 -9.99 -10.55
C THR B 27 -2.16 -9.36 -9.34
N ALA B 28 -2.59 -9.75 -8.14
CA ALA B 28 -2.08 -9.28 -6.84
C ALA B 28 -0.56 -9.49 -6.77
N THR B 29 0.16 -8.47 -6.31
CA THR B 29 1.60 -8.60 -5.99
C THR B 29 1.75 -9.47 -4.75
N VAL B 30 2.93 -10.06 -4.59
CA VAL B 30 3.28 -10.82 -3.35
C VAL B 30 3.27 -9.84 -2.17
N GLU B 31 3.54 -8.57 -2.39
CA GLU B 31 3.39 -7.54 -1.32
C GLU B 31 1.91 -7.35 -0.94
N THR B 32 0.97 -7.33 -1.89
CA THR B 32 -0.49 -7.35 -1.55
C THR B 32 -0.78 -8.64 -0.76
N ILE B 33 -0.25 -9.76 -1.17
CA ILE B 33 -0.62 -11.02 -0.49
C ILE B 33 -0.12 -10.86 0.94
N ALA B 34 1.12 -10.41 1.15
CA ALA B 34 1.74 -10.33 2.49
C ALA B 34 0.94 -9.32 3.36
N ASN B 35 0.45 -8.19 2.81
CA ASN B 35 -0.36 -7.23 3.62
C ASN B 35 -1.65 -7.92 4.11
N LEU B 36 -2.34 -8.63 3.24
CA LEU B 36 -3.61 -9.32 3.58
C LEU B 36 -3.33 -10.43 4.63
N LEU B 37 -2.23 -11.18 4.53
CA LEU B 37 -1.90 -12.19 5.60
C LEU B 37 -1.73 -11.41 6.89
N GLN B 38 -1.05 -10.27 6.87
CA GLN B 38 -0.83 -9.45 8.10
C GLN B 38 -2.18 -8.90 8.59
N GLU B 39 -3.05 -8.40 7.70
CA GLU B 39 -4.40 -7.89 8.12
C GLU B 39 -5.22 -9.00 8.80
N VAL B 40 -5.25 -10.20 8.23
CA VAL B 40 -6.12 -11.27 8.79
C VAL B 40 -5.51 -11.78 10.12
N GLY B 41 -4.20 -11.81 10.24
CA GLY B 41 -3.50 -12.05 11.53
C GLY B 41 -3.95 -11.07 12.61
N CYS B 42 -3.97 -9.76 12.32
CA CYS B 42 -4.43 -8.71 13.25
C CYS B 42 -5.91 -8.92 13.58
N ASN B 43 -6.75 -9.27 12.61
CA ASN B 43 -8.20 -9.42 12.87
C ASN B 43 -8.44 -10.64 13.80
N HIS B 44 -7.69 -11.74 13.65
CA HIS B 44 -7.67 -12.94 14.52
C HIS B 44 -7.25 -12.55 15.95
N ALA B 45 -6.13 -11.84 16.14
CA ALA B 45 -5.69 -11.38 17.49
C ALA B 45 -6.81 -10.55 18.16
N GLN B 46 -7.40 -9.60 17.43
CA GLN B 46 -8.49 -8.70 17.94
C GLN B 46 -9.67 -9.53 18.42
N SER B 47 -10.10 -10.49 17.60
CA SER B 47 -11.29 -11.33 17.89
C SER B 47 -11.08 -12.11 19.19
N VAL B 48 -9.86 -12.28 19.68
CA VAL B 48 -9.69 -13.12 20.90
C VAL B 48 -9.10 -12.37 22.10
N GLY B 49 -9.05 -11.03 22.04
CA GLY B 49 -8.79 -10.17 23.20
C GLY B 49 -7.37 -9.60 23.26
N PHE B 50 -6.45 -10.05 22.41
CA PHE B 50 -5.08 -9.49 22.31
C PHE B 50 -5.16 -8.09 21.66
N SER B 51 -4.02 -7.45 21.43
CA SER B 51 -3.91 -6.16 20.69
C SER B 51 -2.43 -5.84 20.44
N ALA B 56 1.06 -8.51 19.46
CA ALA B 56 -0.06 -9.43 19.79
C ALA B 56 0.05 -9.86 21.25
N THR B 57 0.16 -8.88 22.14
CA THR B 57 0.58 -9.05 23.56
C THR B 57 -0.62 -9.57 24.37
N THR B 58 -0.34 -10.51 25.28
CA THR B 58 -1.29 -11.07 26.29
C THR B 58 -1.05 -10.34 27.63
N THR B 59 -1.43 -10.94 28.75
CA THR B 59 -1.51 -10.29 30.10
C THR B 59 -0.10 -10.14 30.68
N THR B 60 0.59 -11.26 30.90
CA THR B 60 1.97 -11.32 31.45
C THR B 60 2.93 -10.56 30.52
N MET B 61 2.67 -10.58 29.20
CA MET B 61 3.55 -9.99 28.16
C MET B 61 3.61 -8.46 28.31
N ARG B 62 2.45 -7.80 28.44
CA ARG B 62 2.32 -6.32 28.55
C ARG B 62 3.09 -5.81 29.78
N LYS B 63 3.11 -6.60 30.86
CA LYS B 63 3.70 -6.23 32.17
C LYS B 63 5.23 -6.11 32.03
N LEU B 64 5.89 -7.18 31.57
CA LEU B 64 7.37 -7.31 31.53
C LEU B 64 7.92 -6.90 30.16
N HIS B 65 7.20 -6.03 29.44
CA HIS B 65 7.62 -5.41 28.16
C HIS B 65 8.06 -6.48 27.16
N LEU B 66 7.22 -7.49 26.92
CA LEU B 66 7.48 -8.58 25.95
C LEU B 66 6.59 -8.40 24.70
N ILE B 67 7.13 -8.78 23.53
CA ILE B 67 6.42 -8.72 22.21
C ILE B 67 6.75 -9.97 21.39
N TRP B 68 5.84 -10.39 20.51
CA TRP B 68 6.08 -11.34 19.40
C TRP B 68 6.71 -10.59 18.22
N VAL B 69 7.76 -11.14 17.62
CA VAL B 69 8.47 -10.59 16.43
C VAL B 69 8.71 -11.73 15.44
N THR B 70 8.59 -11.44 14.14
CA THR B 70 8.75 -12.47 13.07
C THR B 70 10.25 -12.80 12.91
N ALA B 71 10.60 -14.08 13.04
CA ALA B 71 11.95 -14.58 12.72
C ALA B 71 11.95 -15.01 11.25
N ARG B 72 10.83 -15.54 10.76
CA ARG B 72 10.79 -16.08 9.37
C ARG B 72 9.39 -16.08 8.77
N MET B 73 9.33 -15.73 7.48
CA MET B 73 8.11 -15.73 6.64
C MET B 73 8.37 -16.65 5.42
N HIS B 74 7.40 -17.51 5.10
CA HIS B 74 7.42 -18.47 3.98
C HIS B 74 6.05 -18.45 3.28
N ILE B 75 6.05 -18.14 1.99
CA ILE B 75 4.84 -17.96 1.17
C ILE B 75 5.02 -18.73 -0.14
N GLU B 76 4.07 -19.60 -0.46
N GLU B 76 4.04 -19.57 -0.48
N GLU B 76 4.07 -19.60 -0.46
CA GLU B 76 3.96 -20.27 -1.79
CA GLU B 76 3.95 -20.30 -1.77
CA GLU B 76 3.96 -20.27 -1.79
C GLU B 76 2.63 -19.87 -2.44
C GLU B 76 2.63 -19.92 -2.46
C GLU B 76 2.63 -19.87 -2.44
N ILE B 77 2.70 -19.32 -3.66
CA ILE B 77 1.51 -18.92 -4.45
C ILE B 77 1.44 -19.76 -5.72
N TYR B 78 0.32 -20.47 -5.87
CA TYR B 78 -0.02 -21.29 -7.08
C TYR B 78 -0.73 -20.41 -8.11
N LYS B 79 -1.59 -19.48 -7.69
CA LYS B 79 -2.24 -18.53 -8.63
C LYS B 79 -2.46 -17.22 -7.90
N TYR B 80 -2.07 -16.10 -8.48
CA TYR B 80 -2.29 -14.76 -7.89
C TYR B 80 -3.70 -14.31 -8.25
N PRO B 81 -4.55 -13.89 -7.28
CA PRO B 81 -5.90 -13.45 -7.64
C PRO B 81 -5.90 -12.25 -8.59
N ALA B 82 -6.89 -12.15 -9.48
CA ALA B 82 -7.05 -11.02 -10.41
C ALA B 82 -7.73 -9.86 -9.70
N TRP B 83 -7.52 -8.67 -10.22
CA TRP B 83 -8.27 -7.41 -9.92
C TRP B 83 -9.79 -7.67 -9.93
N GLY B 84 -10.51 -7.34 -8.86
CA GLY B 84 -11.95 -7.69 -8.79
C GLY B 84 -12.23 -9.05 -8.14
N ASP B 85 -11.28 -9.99 -8.14
CA ASP B 85 -11.48 -11.35 -7.57
C ASP B 85 -11.60 -11.27 -6.04
N VAL B 86 -12.30 -12.22 -5.46
CA VAL B 86 -12.43 -12.41 -3.99
C VAL B 86 -11.50 -13.58 -3.62
N VAL B 87 -10.60 -13.33 -2.67
CA VAL B 87 -9.71 -14.37 -2.04
C VAL B 87 -10.21 -14.59 -0.59
N GLU B 88 -10.31 -15.84 -0.17
CA GLU B 88 -10.66 -16.14 1.25
C GLU B 88 -9.35 -16.60 1.91
N ILE B 89 -8.98 -15.99 3.03
CA ILE B 89 -7.80 -16.37 3.83
C ILE B 89 -8.26 -16.91 5.19
N GLU B 90 -7.81 -18.12 5.51
CA GLU B 90 -7.94 -18.76 6.86
C GLU B 90 -6.54 -18.78 7.55
N THR B 91 -6.50 -18.41 8.82
CA THR B 91 -5.26 -18.32 9.61
C THR B 91 -5.46 -18.93 11.00
N TRP B 92 -4.40 -19.52 11.52
CA TRP B 92 -4.38 -20.11 12.87
C TRP B 92 -2.95 -20.03 13.39
N CYS B 93 -2.78 -20.13 14.69
CA CYS B 93 -1.49 -20.13 15.41
C CYS B 93 -1.30 -21.50 16.05
N GLN B 94 -0.05 -21.86 16.37
CA GLN B 94 0.31 -23.11 17.07
C GLN B 94 1.62 -22.89 17.84
N SER B 95 1.65 -23.27 19.12
CA SER B 95 2.86 -23.40 19.98
C SER B 95 3.88 -24.32 19.31
N GLU B 96 5.14 -23.90 19.28
CA GLU B 96 6.30 -24.76 18.97
C GLU B 96 7.09 -24.92 20.27
N GLY B 97 6.45 -25.58 21.24
CA GLY B 97 7.04 -25.93 22.54
C GLY B 97 7.36 -24.67 23.32
N ARG B 98 8.65 -24.45 23.58
CA ARG B 98 9.14 -23.28 24.34
C ARG B 98 10.02 -22.43 23.44
N ILE B 99 10.16 -22.84 22.17
CA ILE B 99 11.06 -22.20 21.15
C ILE B 99 10.33 -20.98 20.57
N GLY B 100 9.00 -21.06 20.47
CA GLY B 100 8.16 -19.94 20.00
C GLY B 100 6.83 -20.44 19.44
N THR B 101 6.36 -19.75 18.41
CA THR B 101 4.97 -19.73 17.93
C THR B 101 4.97 -19.73 16.41
N ARG B 102 3.98 -20.38 15.80
CA ARG B 102 3.82 -20.47 14.34
C ARG B 102 2.48 -19.80 14.00
N ARG B 103 2.44 -18.95 12.97
CA ARG B 103 1.13 -18.60 12.39
C ARG B 103 1.14 -19.14 10.98
N ASP B 104 0.05 -19.80 10.60
CA ASP B 104 -0.13 -20.45 9.26
C ASP B 104 -1.30 -19.82 8.53
N TRP B 105 -1.28 -19.82 7.20
CA TRP B 105 -2.39 -19.27 6.36
C TRP B 105 -2.65 -20.21 5.19
N ILE B 106 -3.92 -20.35 4.80
CA ILE B 106 -4.34 -20.94 3.50
C ILE B 106 -5.15 -19.88 2.76
N LEU B 107 -4.81 -19.65 1.49
N LEU B 107 -4.82 -19.64 1.48
N LEU B 107 -4.81 -19.65 1.49
CA LEU B 107 -5.52 -18.74 0.55
CA LEU B 107 -5.55 -18.73 0.57
CA LEU B 107 -5.52 -18.74 0.55
C LEU B 107 -6.40 -19.60 -0.38
C LEU B 107 -6.38 -19.55 -0.42
C LEU B 107 -6.40 -19.60 -0.38
N LYS B 108 -7.67 -19.22 -0.55
CA LYS B 108 -8.60 -19.92 -1.50
C LYS B 108 -9.23 -18.91 -2.46
N ASP B 109 -9.46 -19.31 -3.72
CA ASP B 109 -10.43 -18.65 -4.64
C ASP B 109 -11.82 -18.84 -4.02
N SER B 110 -12.47 -17.74 -3.64
CA SER B 110 -13.80 -17.75 -2.98
C SER B 110 -14.78 -18.45 -3.92
N VAL B 111 -14.60 -18.25 -5.24
CA VAL B 111 -15.51 -18.76 -6.30
C VAL B 111 -15.33 -20.28 -6.42
N THR B 112 -14.10 -20.80 -6.56
CA THR B 112 -13.86 -22.24 -6.83
C THR B 112 -13.72 -23.04 -5.54
N GLY B 113 -13.34 -22.38 -4.43
CA GLY B 113 -12.93 -23.03 -3.17
C GLY B 113 -11.57 -23.70 -3.30
N GLU B 114 -10.88 -23.52 -4.43
CA GLU B 114 -9.55 -24.14 -4.70
C GLU B 114 -8.47 -23.37 -3.92
N VAL B 115 -7.48 -24.10 -3.37
CA VAL B 115 -6.30 -23.52 -2.66
C VAL B 115 -5.39 -22.85 -3.69
N THR B 116 -5.16 -21.56 -3.56
CA THR B 116 -4.35 -20.73 -4.47
C THR B 116 -3.01 -20.35 -3.82
N GLY B 117 -2.89 -20.46 -2.49
CA GLY B 117 -1.59 -20.25 -1.83
C GLY B 117 -1.59 -20.72 -0.41
N ARG B 118 -0.40 -20.76 0.21
N ARG B 118 -0.40 -20.76 0.21
N ARG B 118 -0.40 -20.76 0.21
CA ARG B 118 -0.22 -21.09 1.65
CA ARG B 118 -0.22 -21.09 1.65
CA ARG B 118 -0.24 -21.03 1.66
C ARG B 118 1.03 -20.38 2.18
C ARG B 118 1.03 -20.38 2.18
C ARG B 118 1.02 -20.33 2.17
N ALA B 119 1.01 -19.99 3.46
CA ALA B 119 2.10 -19.28 4.10
C ALA B 119 2.25 -19.77 5.52
N THR B 120 3.45 -19.67 6.03
CA THR B 120 3.76 -20.04 7.42
C THR B 120 4.81 -19.05 7.91
N SER B 121 4.85 -18.86 9.22
CA SER B 121 5.77 -17.90 9.86
C SER B 121 6.10 -18.41 11.25
N LYS B 122 7.34 -18.17 11.68
CA LYS B 122 7.90 -18.43 13.02
C LYS B 122 8.07 -17.08 13.73
N TRP B 123 7.51 -17.01 14.94
CA TRP B 123 7.62 -15.86 15.86
C TRP B 123 8.36 -16.32 17.13
N VAL B 124 9.15 -15.41 17.71
CA VAL B 124 9.89 -15.58 18.99
C VAL B 124 9.49 -14.41 19.90
N MET B 125 9.58 -14.58 21.22
CA MET B 125 9.35 -13.48 22.17
C MET B 125 10.68 -12.78 22.47
N MET B 126 10.67 -11.45 22.51
CA MET B 126 11.84 -10.64 22.92
C MET B 126 11.34 -9.45 23.74
N ASN B 127 12.23 -8.83 24.53
CA ASN B 127 11.91 -7.61 25.31
C ASN B 127 11.88 -6.44 24.34
N GLN B 128 10.84 -5.60 24.38
CA GLN B 128 10.63 -4.46 23.44
C GLN B 128 11.82 -3.50 23.52
N ASP B 129 12.42 -3.34 24.70
CA ASP B 129 13.43 -2.28 25.00
C ASP B 129 14.85 -2.79 24.68
N THR B 130 15.24 -3.95 25.21
CA THR B 130 16.62 -4.50 25.10
C THR B 130 16.77 -5.31 23.80
N ARG B 131 15.65 -5.74 23.21
CA ARG B 131 15.55 -6.61 22.01
C ARG B 131 16.27 -7.94 22.26
N ARG B 132 16.28 -8.45 23.51
CA ARG B 132 16.88 -9.76 23.88
C ARG B 132 15.80 -10.85 23.83
N LEU B 133 16.07 -11.94 23.12
CA LEU B 133 15.15 -13.10 22.95
C LEU B 133 14.97 -13.81 24.31
N GLN B 134 13.84 -14.49 24.48
CA GLN B 134 13.48 -15.23 25.72
C GLN B 134 12.68 -16.47 25.33
N LYS B 135 13.20 -17.66 25.66
CA LYS B 135 12.42 -18.92 25.64
C LYS B 135 11.15 -18.70 26.47
N VAL B 136 9.98 -18.99 25.88
CA VAL B 136 8.63 -18.58 26.38
C VAL B 136 8.39 -19.24 27.75
N SER B 137 7.72 -18.53 28.67
CA SER B 137 7.36 -19.05 30.02
C SER B 137 6.07 -19.87 29.94
N ASP B 138 5.88 -20.81 30.87
CA ASP B 138 4.71 -21.71 30.93
C ASP B 138 3.46 -20.90 31.27
N ASP B 139 3.61 -19.79 32.00
CA ASP B 139 2.50 -18.89 32.42
C ASP B 139 1.95 -18.13 31.20
N VAL B 140 2.78 -17.92 30.17
CA VAL B 140 2.42 -17.21 28.90
C VAL B 140 1.68 -18.18 27.96
N ARG B 141 2.08 -19.46 27.94
CA ARG B 141 1.50 -20.50 27.04
C ARG B 141 0.04 -20.74 27.41
N ASP B 142 -0.24 -20.98 28.69
CA ASP B 142 -1.59 -21.31 29.21
C ASP B 142 -2.58 -20.26 28.68
N GLU B 143 -2.15 -19.00 28.61
CA GLU B 143 -2.99 -17.85 28.18
C GLU B 143 -3.35 -17.93 26.68
N TYR B 144 -2.42 -18.42 25.83
CA TYR B 144 -2.56 -18.36 24.34
C TYR B 144 -2.81 -19.76 23.75
N LEU B 145 -2.51 -20.84 24.48
CA LEU B 145 -2.77 -22.24 24.04
C LEU B 145 -4.28 -22.47 23.86
N VAL B 146 -5.12 -21.80 24.64
CA VAL B 146 -6.61 -21.96 24.52
C VAL B 146 -7.15 -21.40 23.18
N PHE B 147 -6.38 -20.64 22.38
CA PHE B 147 -6.79 -20.12 21.04
C PHE B 147 -6.15 -20.91 19.90
N CYS B 148 -5.46 -22.02 20.20
CA CYS B 148 -4.65 -22.80 19.22
C CYS B 148 -5.14 -24.24 19.20
N PRO B 149 -5.25 -24.87 18.00
CA PRO B 149 -5.48 -26.32 17.90
C PRO B 149 -4.34 -27.03 18.63
N GLN B 150 -4.69 -28.05 19.40
CA GLN B 150 -3.71 -28.83 20.19
C GLN B 150 -3.08 -29.92 19.31
N GLU B 151 -3.88 -30.61 18.49
CA GLU B 151 -3.36 -31.51 17.43
C GLU B 151 -2.69 -30.66 16.37
N PRO B 152 -1.56 -31.15 15.80
CA PRO B 152 -0.83 -30.38 14.79
C PRO B 152 -1.70 -30.13 13.55
N ARG B 153 -1.68 -28.88 13.08
CA ARG B 153 -2.34 -28.41 11.85
C ARG B 153 -1.32 -27.52 11.10
N LEU B 154 -0.71 -28.02 10.02
CA LEU B 154 0.45 -27.41 9.31
C LEU B 154 0.02 -26.96 7.90
N ALA B 155 0.24 -25.71 7.50
CA ALA B 155 0.04 -25.34 6.09
C ALA B 155 1.05 -26.10 5.24
N PHE B 156 2.18 -26.49 5.80
CA PHE B 156 3.29 -27.17 5.09
C PHE B 156 3.63 -28.44 5.86
N PRO B 157 2.76 -29.48 5.80
CA PRO B 157 2.94 -30.67 6.64
C PRO B 157 4.23 -31.45 6.33
N GLU B 158 4.59 -31.53 5.04
CA GLU B 158 5.60 -32.47 4.46
C GLU B 158 6.94 -32.40 5.21
N GLU B 159 7.44 -33.54 5.72
CA GLU B 159 8.83 -33.72 6.25
C GLU B 159 9.79 -33.46 5.07
N ASN B 160 10.85 -32.69 5.29
CA ASN B 160 11.74 -32.09 4.25
C ASN B 160 10.86 -31.30 3.26
N ASN B 161 10.49 -30.08 3.64
CA ASN B 161 9.77 -29.10 2.77
C ASN B 161 10.47 -27.74 2.89
N ARG B 162 10.29 -26.90 1.86
CA ARG B 162 11.07 -25.65 1.60
C ARG B 162 11.02 -24.69 2.80
N SER B 163 9.89 -24.65 3.52
CA SER B 163 9.55 -23.66 4.58
C SER B 163 10.52 -23.73 5.76
N LEU B 164 11.31 -24.81 5.88
CA LEU B 164 12.17 -25.08 7.08
C LEU B 164 13.67 -25.13 6.71
N LYS B 165 14.07 -24.95 5.44
CA LYS B 165 15.49 -25.12 5.01
C LYS B 165 16.36 -23.93 5.51
N LYS B 166 17.59 -24.23 5.93
CA LYS B 166 18.64 -23.26 6.31
C LYS B 166 18.99 -22.39 5.07
N ILE B 167 19.21 -21.09 5.27
CA ILE B 167 19.52 -20.12 4.17
C ILE B 167 20.95 -19.61 4.40
N PRO B 168 21.85 -19.76 3.41
CA PRO B 168 23.22 -19.28 3.56
C PRO B 168 23.38 -17.79 3.26
N LYS B 169 24.55 -17.26 3.62
CA LYS B 169 24.88 -15.82 3.44
C LYS B 169 25.48 -15.67 2.03
N LEU B 170 24.85 -14.85 1.21
CA LEU B 170 25.35 -14.41 -0.11
C LEU B 170 26.78 -13.88 0.09
N GLU B 171 27.69 -14.27 -0.78
CA GLU B 171 29.12 -13.84 -0.74
C GLU B 171 29.35 -12.82 -1.87
N ASP B 172 30.03 -11.73 -1.56
CA ASP B 172 30.41 -10.66 -2.52
C ASP B 172 31.37 -11.29 -3.53
N PRO B 173 31.35 -10.85 -4.80
CA PRO B 173 30.37 -9.87 -5.29
C PRO B 173 28.99 -10.48 -5.63
N ALA B 174 27.92 -9.70 -5.49
CA ALA B 174 26.54 -10.13 -5.78
C ALA B 174 26.39 -10.08 -7.30
N GLN B 175 25.55 -10.94 -7.91
CA GLN B 175 25.27 -10.84 -9.37
C GLN B 175 24.51 -9.54 -9.64
N TYR B 176 23.62 -9.16 -8.74
CA TYR B 176 22.72 -7.98 -8.94
C TYR B 176 22.57 -7.26 -7.62
N SER B 177 22.28 -5.96 -7.70
CA SER B 177 22.20 -5.10 -6.50
C SER B 177 21.30 -3.90 -6.80
N MET B 178 20.55 -3.43 -5.80
CA MET B 178 19.82 -2.13 -5.80
C MET B 178 20.21 -1.44 -4.49
N ILE B 179 20.92 -0.30 -4.57
CA ILE B 179 21.51 0.33 -3.35
C ILE B 179 20.74 1.60 -2.97
N GLY B 180 20.90 2.05 -1.72
CA GLY B 180 20.37 3.35 -1.29
C GLY B 180 18.88 3.32 -1.10
N LEU B 181 18.29 2.15 -0.85
CA LEU B 181 16.86 1.98 -0.48
C LEU B 181 16.63 2.59 0.92
N LYS B 182 15.61 3.45 1.03
CA LYS B 182 15.20 4.14 2.30
C LYS B 182 13.70 4.02 2.47
N PRO B 183 13.19 3.74 3.70
CA PRO B 183 11.74 3.71 3.93
C PRO B 183 11.19 5.15 4.02
N ARG B 184 9.96 5.38 3.56
CA ARG B 184 9.22 6.67 3.73
C ARG B 184 8.09 6.42 4.76
N ARG B 185 7.32 7.42 5.18
CA ARG B 185 6.32 7.24 6.27
C ARG B 185 5.33 6.11 5.94
N ALA B 186 4.95 6.00 4.66
CA ALA B 186 4.00 4.98 4.16
C ALA B 186 4.54 3.58 4.45
N ASP B 187 5.86 3.38 4.62
CA ASP B 187 6.45 2.04 4.92
C ASP B 187 6.42 1.72 6.42
N LEU B 188 6.02 2.64 7.29
CA LEU B 188 6.07 2.45 8.77
C LEU B 188 4.70 1.96 9.26
N ASP B 189 4.66 1.23 10.38
CA ASP B 189 3.39 0.80 11.04
C ASP B 189 2.99 1.89 12.03
N MET B 190 1.94 1.65 12.78
CA MET B 190 1.38 2.61 13.77
C MET B 190 2.38 2.87 14.91
N ASN B 191 3.43 2.05 15.11
CA ASN B 191 4.45 2.29 16.18
C ASN B 191 5.75 2.81 15.57
N GLN B 192 5.71 3.23 14.31
CA GLN B 192 6.82 3.91 13.58
C GLN B 192 8.00 2.95 13.39
N HIS B 193 7.75 1.64 13.35
CA HIS B 193 8.73 0.62 12.87
C HIS B 193 8.44 0.32 11.42
N VAL B 194 9.47 -0.11 10.68
CA VAL B 194 9.32 -0.46 9.26
C VAL B 194 8.45 -1.71 9.20
N ASN B 195 7.46 -1.73 8.34
CA ASN B 195 6.51 -2.86 8.32
C ASN B 195 7.24 -4.02 7.62
N ASN B 196 7.04 -5.24 8.13
CA ASN B 196 7.75 -6.47 7.68
C ASN B 196 7.64 -6.64 6.16
N VAL B 197 6.55 -6.13 5.57
CA VAL B 197 6.24 -6.35 4.13
C VAL B 197 7.18 -5.52 3.26
N THR B 198 7.59 -4.33 3.70
CA THR B 198 8.60 -3.46 3.02
C THR B 198 9.87 -4.28 2.73
N TYR B 199 10.32 -5.12 3.65
CA TYR B 199 11.58 -5.90 3.44
C TYR B 199 11.38 -6.85 2.26
N ILE B 200 10.18 -7.41 2.11
CA ILE B 200 9.86 -8.27 0.93
C ILE B 200 10.04 -7.45 -0.35
N GLY B 201 9.54 -6.22 -0.40
CA GLY B 201 9.70 -5.37 -1.59
C GLY B 201 11.19 -5.12 -1.87
N TRP B 202 11.93 -4.77 -0.82
CA TRP B 202 13.40 -4.47 -0.93
C TRP B 202 14.14 -5.69 -1.47
N VAL B 203 13.83 -6.89 -0.98
CA VAL B 203 14.45 -8.14 -1.52
C VAL B 203 14.18 -8.22 -3.03
N LEU B 204 12.92 -7.98 -3.46
CA LEU B 204 12.53 -8.18 -4.86
C LEU B 204 13.12 -7.08 -5.76
N GLU B 205 13.51 -5.95 -5.18
CA GLU B 205 14.02 -4.77 -5.93
C GLU B 205 15.30 -5.12 -6.71
N SER B 206 16.09 -6.08 -6.26
CA SER B 206 17.35 -6.46 -6.95
C SER B 206 17.12 -7.60 -7.97
N ILE B 207 15.90 -8.13 -8.12
CA ILE B 207 15.58 -9.07 -9.23
C ILE B 207 15.50 -8.21 -10.49
N PRO B 208 16.20 -8.60 -11.58
CA PRO B 208 16.11 -7.86 -12.85
C PRO B 208 14.69 -7.80 -13.42
N GLN B 209 14.33 -6.70 -14.09
CA GLN B 209 12.97 -6.47 -14.64
C GLN B 209 12.63 -7.61 -15.62
N GLU B 210 13.63 -8.17 -16.30
CA GLU B 210 13.49 -9.25 -17.33
C GLU B 210 12.95 -10.52 -16.65
N ILE B 211 13.45 -10.89 -15.48
CA ILE B 211 12.91 -12.06 -14.76
C ILE B 211 11.46 -11.77 -14.44
N VAL B 212 11.16 -10.60 -13.86
CA VAL B 212 9.78 -10.28 -13.38
C VAL B 212 8.81 -10.29 -14.56
N ASP B 213 9.26 -9.83 -15.73
CA ASP B 213 8.49 -9.75 -17.01
C ASP B 213 8.20 -11.16 -17.60
N THR B 214 9.10 -12.14 -17.42
CA THR B 214 9.03 -13.46 -18.10
C THR B 214 8.77 -14.60 -17.13
N HIS B 215 8.74 -14.36 -15.82
CA HIS B 215 8.48 -15.41 -14.79
C HIS B 215 7.45 -14.92 -13.77
N GLU B 216 6.87 -15.85 -13.03
CA GLU B 216 6.00 -15.54 -11.88
C GLU B 216 6.65 -16.12 -10.64
N LEU B 217 6.59 -15.36 -9.54
CA LEU B 217 7.18 -15.76 -8.25
C LEU B 217 6.32 -16.89 -7.70
N GLN B 218 6.92 -18.04 -7.38
CA GLN B 218 6.16 -19.16 -6.78
C GLN B 218 6.43 -19.27 -5.27
N VAL B 219 7.68 -19.10 -4.81
CA VAL B 219 8.06 -19.31 -3.39
C VAL B 219 9.00 -18.16 -2.97
N ILE B 220 8.79 -17.61 -1.77
CA ILE B 220 9.70 -16.66 -1.10
C ILE B 220 9.84 -17.12 0.35
N THR B 221 11.07 -17.36 0.80
CA THR B 221 11.45 -17.58 2.23
C THR B 221 12.32 -16.40 2.67
N LEU B 222 12.00 -15.75 3.78
CA LEU B 222 12.77 -14.57 4.28
C LEU B 222 13.04 -14.74 5.78
N ASP B 223 14.33 -14.75 6.22
CA ASP B 223 14.78 -14.59 7.62
C ASP B 223 14.91 -13.10 7.97
N TYR B 224 14.43 -12.75 9.15
CA TYR B 224 14.46 -11.39 9.73
C TYR B 224 15.52 -11.44 10.85
N ARG B 225 16.58 -10.67 10.71
CA ARG B 225 17.73 -10.78 11.64
C ARG B 225 17.78 -9.55 12.51
N ARG B 226 17.53 -8.38 11.92
CA ARG B 226 17.62 -7.07 12.61
C ARG B 226 16.65 -6.13 11.89
N GLU B 227 16.08 -5.18 12.64
CA GLU B 227 15.15 -4.15 12.12
C GLU B 227 15.93 -3.06 11.38
N CYS B 228 15.35 -2.51 10.33
CA CYS B 228 15.85 -1.30 9.65
C CYS B 228 15.10 -0.15 10.36
N GLN B 229 15.83 0.85 10.83
CA GLN B 229 15.19 2.01 11.50
C GLN B 229 14.73 2.98 10.43
N GLN B 230 13.89 3.94 10.82
CA GLN B 230 13.32 4.99 9.94
C GLN B 230 14.44 5.74 9.21
N ASP B 231 15.64 5.86 9.78
CA ASP B 231 16.73 6.67 9.20
C ASP B 231 17.90 5.79 8.66
N ASP B 232 17.72 4.46 8.56
CA ASP B 232 18.75 3.57 7.95
C ASP B 232 18.58 3.52 6.44
N VAL B 233 19.53 2.89 5.76
CA VAL B 233 19.63 2.81 4.28
C VAL B 233 20.09 1.40 3.99
N VAL B 234 19.37 0.72 3.08
CA VAL B 234 19.53 -0.72 2.78
C VAL B 234 20.09 -0.87 1.38
N ASP B 235 21.01 -1.82 1.25
CA ASP B 235 21.43 -2.43 -0.03
C ASP B 235 20.78 -3.80 -0.13
N SER B 236 20.22 -4.09 -1.31
CA SER B 236 19.53 -5.35 -1.72
C SER B 236 20.44 -6.11 -2.69
N LEU B 237 20.87 -7.33 -2.34
CA LEU B 237 21.83 -8.11 -3.17
C LEU B 237 21.15 -9.42 -3.57
N THR B 238 21.40 -9.90 -4.80
CA THR B 238 20.78 -11.09 -5.44
C THR B 238 21.82 -11.78 -6.33
N THR B 239 21.98 -13.09 -6.17
CA THR B 239 22.77 -13.99 -7.05
C THR B 239 21.85 -15.16 -7.45
N THR B 240 21.82 -15.48 -8.75
CA THR B 240 21.13 -16.65 -9.34
C THR B 240 21.79 -17.90 -8.77
N THR B 241 21.04 -18.82 -8.19
CA THR B 241 21.56 -20.09 -7.63
C THR B 241 21.25 -21.27 -8.55
N SER B 242 20.31 -21.11 -9.49
CA SER B 242 19.99 -22.15 -10.52
C SER B 242 20.79 -21.87 -11.81
N ASP B 260 12.78 -23.33 -14.23
CA ASP B 260 12.64 -22.60 -12.93
C ASP B 260 13.93 -21.79 -12.68
N SER B 261 13.80 -20.59 -12.13
CA SER B 261 14.93 -19.78 -11.62
C SER B 261 14.85 -19.65 -10.08
N GLN B 262 15.97 -19.88 -9.41
CA GLN B 262 16.14 -19.70 -7.95
C GLN B 262 17.18 -18.62 -7.68
N PHE B 263 16.99 -17.80 -6.63
CA PHE B 263 17.93 -16.72 -6.23
C PHE B 263 18.24 -16.86 -4.74
N LEU B 264 19.45 -16.46 -4.36
CA LEU B 264 19.85 -16.15 -2.97
C LEU B 264 19.80 -14.63 -2.77
N HIS B 265 19.33 -14.16 -1.60
CA HIS B 265 19.08 -12.72 -1.31
C HIS B 265 19.74 -12.29 -0.01
N LEU B 266 20.12 -11.02 0.06
CA LEU B 266 20.71 -10.38 1.26
C LEU B 266 20.35 -8.90 1.27
N LEU B 267 19.72 -8.44 2.35
CA LEU B 267 19.57 -7.00 2.68
C LEU B 267 20.61 -6.68 3.77
N ARG B 268 21.31 -5.58 3.61
CA ARG B 268 22.31 -5.14 4.62
C ARG B 268 22.38 -3.61 4.62
N LEU B 269 22.75 -3.02 5.76
CA LEU B 269 22.84 -1.55 5.91
C LEU B 269 23.90 -1.01 4.94
N SER B 270 23.63 0.12 4.30
CA SER B 270 24.43 0.70 3.19
C SER B 270 25.89 0.88 3.61
N GLY B 271 26.09 1.33 4.85
CA GLY B 271 27.42 1.69 5.37
C GLY B 271 28.22 0.48 5.78
N ASP B 272 28.05 0.04 7.02
CA ASP B 272 28.90 -1.02 7.62
C ASP B 272 28.55 -2.42 7.07
N GLY B 273 27.43 -2.59 6.35
CA GLY B 273 27.06 -3.88 5.73
C GLY B 273 26.56 -4.92 6.73
N GLN B 274 26.10 -4.45 7.89
CA GLN B 274 25.30 -5.21 8.89
C GLN B 274 24.07 -5.89 8.23
N GLU B 275 23.98 -7.22 8.31
CA GLU B 275 22.87 -8.03 7.76
C GLU B 275 21.55 -7.64 8.41
N ILE B 276 20.49 -7.39 7.63
CA ILE B 276 19.14 -7.23 8.23
C ILE B 276 18.25 -8.43 7.86
N ASN B 277 18.36 -8.96 6.64
CA ASN B 277 17.58 -10.13 6.18
C ASN B 277 18.41 -10.96 5.22
N ARG B 278 18.13 -12.25 5.17
CA ARG B 278 18.48 -13.14 4.02
C ARG B 278 17.24 -13.91 3.54
N GLY B 279 17.25 -14.38 2.31
CA GLY B 279 16.10 -15.15 1.80
C GLY B 279 16.41 -15.84 0.50
N THR B 280 15.44 -16.57 -0.04
CA THR B 280 15.49 -17.26 -1.36
C THR B 280 14.15 -17.05 -2.06
N THR B 281 14.16 -17.07 -3.38
CA THR B 281 12.93 -17.05 -4.19
C THR B 281 13.06 -18.10 -5.28
N LEU B 282 11.93 -18.68 -5.65
CA LEU B 282 11.80 -19.65 -6.78
C LEU B 282 10.81 -19.03 -7.77
N TRP B 283 11.16 -18.96 -9.06
CA TRP B 283 10.28 -18.35 -10.09
C TRP B 283 10.03 -19.38 -11.20
N ARG B 284 8.79 -19.41 -11.71
CA ARG B 284 8.34 -20.26 -12.84
C ARG B 284 8.15 -19.36 -14.06
N LYS B 285 8.66 -19.74 -15.23
CA LYS B 285 8.33 -19.16 -16.55
C LYS B 285 6.80 -19.13 -16.78
N LYS B 286 6.25 -17.98 -17.19
CA LYS B 286 4.78 -17.72 -17.31
C LYS B 286 4.11 -18.70 -18.29
C10 WNS C . -18.38 7.72 -15.08
C01 WNS C . -10.76 10.99 -15.47
C02 WNS C . -12.10 11.16 -16.13
C03 WNS C . -13.23 10.76 -15.23
C04 WNS C . -13.57 9.29 -15.32
C07 WNS C . -15.87 8.53 -15.78
C08 WNS C . -16.06 7.30 -15.14
C09 WNS C . -17.32 6.89 -14.79
C12 WNS C . -17.03 9.27 -16.02
N06 WNS C . -14.59 9.00 -16.16
N11 WNS C . -18.24 8.90 -15.70
O05 WNS C . -12.98 8.43 -14.68
CL1 WNS C . -16.89 10.80 -16.82
C10 WNS D . -5.09 -16.43 18.41
C01 WNS D . 2.59 -13.85 16.94
C02 WNS D . 1.71 -15.02 16.56
C03 WNS D . 0.64 -15.27 17.60
C04 WNS D . -0.56 -14.35 17.48
C07 WNS D . -2.71 -15.10 18.45
C08 WNS D . -3.86 -14.45 17.99
C09 WNS D . -5.06 -15.13 17.98
C12 WNS D . -2.88 -16.41 18.86
N06 WNS D . -1.44 -14.47 18.49
N11 WNS D . -4.01 -17.07 18.86
O05 WNS D . -0.71 -13.58 16.54
CL1 WNS D . -1.50 -17.29 19.44
#